data_7FMM
#
_entry.id   7FMM
#
_cell.length_a   89.34
_cell.length_b   81.38
_cell.length_c   93.417
_cell.angle_alpha   90
_cell.angle_beta   108.27
_cell.angle_gamma   90
#
_symmetry.space_group_name_H-M   'C 1 2 1'
#
loop_
_entity.id
_entity.type
_entity.pdbx_description
1 polymer 'Pre-mRNA-splicing factor 8'
2 polymer 'A1 cistron-splicing factor AAR2'
3 non-polymer N-methoxy-2-(2-methoxy-4-methylphenoxy)acetamide
4 water water
#
loop_
_entity_poly.entity_id
_entity_poly.type
_entity_poly.pdbx_seq_one_letter_code
_entity_poly.pdbx_strand_id
1 'polypeptide(L)'
;GAMNSSNYAELFNNDIKLFVDDTNVYRVTVHKTFEGNVATKAINGCIFTLNPKTGHLFLKIIHTSVWAGQKRLSQLAKWK
TAEEVSALVRSLPKEEQPKQIIVTRKAMLDPLEVHMLDFPNIAIRPTELRLPFSAAMSIDKLSDVVMKATEPQMVLFNIY
DDWLDRISSYTAFSRLTLLLRALKTNEESAKMILLSDPTITIKSYHLWPSFTDEQWITIESQMRDLILTEYGRKYNVNIS
ALTQTEIKDIILGQNIKA
;
A
2 'polypeptide(L)'
;GAMAMNTVPFTSAPIEVTIGIDQYSFNVKENQPFHGIKDIPIGHVHVIHFQHADNSSMRYGYWFDCRMGNFYIQYDPKDG
LYKMMEERDGAKFENIVHNFKERQMMVSYPKIDEDDTWYNLTEFVQMDKIRKIVRKDENQFSYVDSSMTTVQENELSSSS
SDPAHSLNYTVINFKSREAIRPGHEMEDFLDKSYYLNTVMLQGIFKNSSNYFGELQFAFLNAMFFGNYGSSLQWHAMIEL
ICSSATVPKHMLDKLDEILYYQIKTLPEQYSDILLNERVWNICLYSSFQKNSLHNTEKIMENKYPELL
;
B
#
loop_
_chem_comp.id
_chem_comp.type
_chem_comp.name
_chem_comp.formula
VRH non-polymer N-methoxy-2-(2-methoxy-4-methylphenoxy)acetamide 'C11 H15 N O4'
#
# COMPACT_ATOMS: atom_id res chain seq x y z
N GLY A 1 13.60 9.81 0.21
CA GLY A 1 13.36 8.38 0.23
C GLY A 1 14.26 7.67 1.21
N ALA A 2 15.13 6.80 0.70
CA ALA A 2 16.07 6.10 1.57
C ALA A 2 17.32 6.93 1.79
N MET A 3 18.02 6.62 2.88
CA MET A 3 19.21 7.34 3.31
C MET A 3 20.41 6.44 3.07
N ASN A 4 21.44 6.97 2.41
CA ASN A 4 22.59 6.16 2.05
C ASN A 4 23.84 7.03 1.97
N SER A 5 24.93 6.44 1.45
CA SER A 5 26.23 7.11 1.46
C SER A 5 26.21 8.42 0.68
N SER A 6 25.34 8.52 -0.32
CA SER A 6 25.31 9.72 -1.14
C SER A 6 24.84 10.93 -0.33
N ASN A 7 23.75 10.76 0.42
CA ASN A 7 23.18 11.86 1.19
C ASN A 7 23.43 11.68 2.68
N TYR A 8 24.68 11.42 3.06
CA TYR A 8 25.06 11.19 4.46
C TYR A 8 25.21 12.50 5.24
N ALA A 9 25.66 13.56 4.57
CA ALA A 9 25.74 14.85 5.22
C ALA A 9 24.37 15.42 5.59
N GLU A 10 23.29 14.99 4.96
CA GLU A 10 21.95 15.40 5.44
C GLU A 10 21.72 15.12 6.94
N LEU A 11 22.29 14.06 7.49
CA LEU A 11 22.14 13.80 8.91
C LEU A 11 22.53 15.01 9.76
N PHE A 12 23.47 15.80 9.29
CA PHE A 12 24.01 16.83 10.18
C PHE A 12 23.59 18.23 9.77
N ASN A 13 22.59 18.35 8.89
CA ASN A 13 22.12 19.69 8.55
C ASN A 13 21.23 20.12 9.70
N ASN A 14 20.51 21.23 9.51
CA ASN A 14 19.73 21.89 10.56
C ASN A 14 18.24 21.52 10.54
N ASP A 15 17.86 20.48 9.77
CA ASP A 15 16.50 19.97 9.74
C ASP A 15 16.42 18.95 10.84
N ILE A 16 15.57 19.15 11.83
CA ILE A 16 15.53 18.18 12.93
C ILE A 16 15.21 16.79 12.41
N LYS A 17 15.94 15.79 12.90
CA LYS A 17 15.71 14.41 12.51
C LYS A 17 16.12 13.44 13.62
N LEU A 18 15.46 12.27 13.61
CA LEU A 18 15.72 11.23 14.57
C LEU A 18 15.89 9.91 13.85
N PHE A 19 16.87 9.14 14.31
CA PHE A 19 17.00 7.74 14.00
C PHE A 19 16.17 6.99 15.01
N VAL A 20 15.45 5.98 14.53
CA VAL A 20 14.81 5.01 15.42
C VAL A 20 15.34 3.61 15.12
N ASP A 21 15.84 2.94 16.16
CA ASP A 21 16.27 1.56 16.11
C ASP A 21 15.46 0.72 17.10
N ASP A 22 14.83 -0.31 16.60
CA ASP A 22 13.95 -1.17 17.38
C ASP A 22 14.59 -2.51 17.72
N THR A 23 15.87 -2.70 17.43
N THR A 23 15.92 -2.71 17.54
CA THR A 23 16.47 -4.01 17.62
CA THR A 23 16.48 -4.05 17.65
C THR A 23 16.28 -4.51 19.06
C THR A 23 16.54 -4.56 19.09
N ASN A 24 16.50 -3.66 20.07
CA ASN A 24 16.54 -4.09 21.48
C ASN A 24 15.19 -3.90 22.16
N VAL A 25 14.13 -3.67 21.38
CA VAL A 25 12.80 -3.48 21.94
C VAL A 25 12.34 -4.76 22.59
N TYR A 26 12.34 -5.86 21.86
CA TYR A 26 11.82 -7.16 22.34
C TYR A 26 13.04 -8.07 22.48
N ARG A 27 13.36 -8.39 23.71
CA ARG A 27 14.52 -9.22 23.99
C ARG A 27 14.12 -10.44 24.79
N VAL A 28 14.72 -11.56 24.42
CA VAL A 28 14.43 -12.80 25.13
C VAL A 28 15.68 -13.61 25.42
N THR A 29 15.55 -14.47 26.43
CA THR A 29 16.44 -15.62 26.62
C THR A 29 15.62 -16.86 26.25
N VAL A 30 16.26 -17.81 25.59
CA VAL A 30 15.66 -19.08 25.19
C VAL A 30 16.21 -20.16 26.12
N HIS A 31 15.33 -20.96 26.68
CA HIS A 31 15.77 -21.95 27.65
C HIS A 31 14.92 -23.21 27.49
N LYS A 32 15.39 -24.30 28.07
CA LYS A 32 14.64 -25.54 28.08
C LYS A 32 13.65 -25.58 29.23
N THR A 33 12.49 -26.15 28.98
CA THR A 33 11.51 -26.38 30.02
C THR A 33 11.71 -27.74 30.67
N PHE A 34 11.05 -27.94 31.82
CA PHE A 34 11.29 -29.17 32.57
C PHE A 34 10.95 -30.36 31.69
N GLU A 35 9.90 -30.23 30.87
CA GLU A 35 9.46 -31.30 29.99
C GLU A 35 10.41 -31.48 28.83
N GLY A 36 11.44 -30.65 28.69
CA GLY A 36 12.34 -30.78 27.57
C GLY A 36 11.96 -29.97 26.36
N ASN A 37 10.92 -29.13 26.45
CA ASN A 37 10.57 -28.25 25.36
C ASN A 37 11.41 -27.00 25.45
N VAL A 38 11.14 -26.01 24.61
CA VAL A 38 11.85 -24.75 24.65
C VAL A 38 10.84 -23.63 24.91
N ALA A 39 11.26 -22.62 25.62
CA ALA A 39 10.42 -21.50 25.99
C ALA A 39 11.32 -20.29 26.03
N THR A 40 10.69 -19.12 25.92
CA THR A 40 11.37 -17.84 26.02
C THR A 40 10.95 -17.14 27.29
N LYS A 41 11.88 -16.39 27.86
CA LYS A 41 11.63 -15.46 28.95
C LYS A 41 12.03 -14.10 28.42
N ALA A 42 11.08 -13.18 28.39
CA ALA A 42 11.46 -11.83 27.94
C ALA A 42 12.26 -11.10 29.02
N ILE A 43 13.12 -10.19 28.59
CA ILE A 43 13.79 -9.30 29.54
C ILE A 43 13.53 -7.86 29.10
N ASN A 44 13.80 -6.91 29.97
CA ASN A 44 13.52 -5.54 29.59
C ASN A 44 14.27 -5.18 28.31
N GLY A 45 13.72 -4.22 27.56
CA GLY A 45 14.35 -3.66 26.33
C GLY A 45 14.26 -2.15 26.12
N CYS A 46 14.57 -1.52 24.95
CA CYS A 46 14.63 -0.06 24.93
C CYS A 46 14.41 0.19 23.47
N ILE A 47 13.77 1.23 23.19
CA ILE A 47 13.79 1.85 21.87
C ILE A 47 14.95 2.82 21.88
N PHE A 48 15.65 2.92 20.77
CA PHE A 48 16.84 3.75 20.68
C PHE A 48 16.53 4.82 19.67
N THR A 49 16.32 6.01 20.12
CA THR A 49 15.82 7.11 19.31
C THR A 49 16.84 8.21 19.47
N LEU A 50 17.53 8.58 18.40
CA LEU A 50 18.72 9.41 18.54
C LEU A 50 18.64 10.62 17.61
N ASN A 51 18.90 11.84 18.08
CA ASN A 51 19.11 12.96 17.19
C ASN A 51 20.59 12.94 16.81
N PRO A 52 20.94 12.67 15.55
CA PRO A 52 22.37 12.53 15.18
C PRO A 52 23.11 13.83 15.21
N LYS A 53 22.43 14.96 15.25
CA LYS A 53 23.06 16.29 15.21
C LYS A 53 23.46 16.77 16.60
N THR A 54 22.61 16.48 17.58
CA THR A 54 22.75 16.95 18.94
C THR A 54 23.27 15.86 19.86
N GLY A 55 23.07 14.60 19.48
CA GLY A 55 23.42 13.49 20.35
C GLY A 55 22.36 13.14 21.31
N HIS A 56 21.22 13.84 21.27
CA HIS A 56 20.18 13.59 22.27
C HIS A 56 19.62 12.23 22.01
N LEU A 57 19.57 11.39 23.05
CA LEU A 57 19.12 10.01 22.98
C LEU A 57 17.88 9.94 23.85
N PHE A 58 16.77 9.59 23.24
CA PHE A 58 15.55 9.37 24.00
C PHE A 58 15.42 7.86 24.16
N LEU A 59 15.89 7.33 25.33
CA LEU A 59 15.87 5.91 25.61
C LEU A 59 14.53 5.56 26.30
N LYS A 60 13.61 4.98 25.51
CA LYS A 60 12.32 4.49 26.02
C LYS A 60 12.54 3.07 26.51
N ILE A 61 12.49 2.86 27.80
CA ILE A 61 12.68 1.53 28.35
C ILE A 61 11.37 0.76 28.25
N ILE A 62 11.46 -0.44 27.73
CA ILE A 62 10.34 -1.33 27.50
C ILE A 62 10.39 -2.41 28.57
N HIS A 63 9.45 -2.31 29.47
CA HIS A 63 9.41 -3.23 30.59
C HIS A 63 8.70 -4.50 30.11
N THR A 64 9.10 -5.64 30.69
CA THR A 64 8.60 -6.93 30.22
C THR A 64 7.09 -7.05 30.41
N SER A 65 6.51 -6.27 31.31
CA SER A 65 5.07 -6.34 31.51
C SER A 65 4.31 -5.93 30.28
N VAL A 66 4.93 -5.16 29.37
N VAL A 66 4.93 -5.13 29.39
CA VAL A 66 4.15 -4.77 28.21
CA VAL A 66 4.28 -4.77 28.15
C VAL A 66 3.87 -5.94 27.27
C VAL A 66 3.79 -6.00 27.39
N TRP A 67 4.56 -7.08 27.43
CA TRP A 67 4.34 -8.25 26.59
C TRP A 67 3.33 -9.22 27.24
N ALA A 68 2.96 -8.98 28.49
CA ALA A 68 2.15 -9.97 29.20
C ALA A 68 0.85 -10.27 28.44
N GLY A 69 0.59 -11.54 28.20
CA GLY A 69 -0.67 -11.91 27.57
C GLY A 69 -0.81 -11.51 26.11
N GLN A 70 0.25 -11.03 25.50
CA GLN A 70 0.20 -10.67 24.09
C GLN A 70 0.77 -11.80 23.23
N LYS A 71 0.31 -11.86 21.97
CA LYS A 71 0.69 -12.86 20.99
C LYS A 71 1.46 -12.14 19.89
N ARG A 72 2.24 -12.92 19.13
CA ARG A 72 3.05 -12.40 18.01
C ARG A 72 3.87 -11.20 18.47
N LEU A 73 4.79 -11.45 19.42
CA LEU A 73 5.45 -10.34 20.07
C LEU A 73 6.41 -9.62 19.12
N SER A 74 7.08 -10.37 18.25
CA SER A 74 8.00 -9.71 17.33
C SER A 74 7.25 -8.72 16.44
N GLN A 75 6.02 -9.05 16.02
CA GLN A 75 5.24 -8.05 15.28
C GLN A 75 4.68 -6.95 16.17
N LEU A 76 4.25 -7.29 17.37
CA LEU A 76 3.79 -6.24 18.27
C LEU A 76 4.89 -5.27 18.60
N ALA A 77 6.11 -5.79 18.78
CA ALA A 77 7.20 -4.91 19.19
C ALA A 77 7.35 -3.74 18.22
N LYS A 78 7.14 -3.99 16.92
CA LYS A 78 7.29 -2.95 15.91
C LYS A 78 6.20 -1.91 16.04
N TRP A 79 4.96 -2.35 16.29
CA TRP A 79 3.84 -1.43 16.53
C TRP A 79 3.99 -0.68 17.86
N LYS A 80 4.48 -1.35 18.92
CA LYS A 80 4.77 -0.67 20.19
C LYS A 80 5.87 0.38 20.03
N THR A 81 6.91 0.05 19.26
CA THR A 81 7.92 1.03 18.95
C THR A 81 7.30 2.24 18.29
N ALA A 82 6.55 2.01 17.23
CA ALA A 82 5.94 3.12 16.54
C ALA A 82 5.06 3.93 17.46
N GLU A 83 4.27 3.26 18.30
CA GLU A 83 3.37 3.96 19.22
C GLU A 83 4.17 4.89 20.13
N GLU A 84 5.25 4.37 20.69
CA GLU A 84 6.06 5.14 21.62
C GLU A 84 6.74 6.31 20.90
N VAL A 85 7.21 6.13 19.66
CA VAL A 85 7.85 7.24 18.91
C VAL A 85 6.83 8.32 18.61
N SER A 86 5.62 7.89 18.21
N SER A 86 5.61 7.89 18.22
CA SER A 86 4.57 8.86 17.95
CA SER A 86 4.52 8.83 17.95
C SER A 86 4.19 9.63 19.21
C SER A 86 4.17 9.62 19.21
N ALA A 87 4.13 8.94 20.36
CA ALA A 87 3.84 9.65 21.62
C ALA A 87 4.95 10.65 22.00
N LEU A 88 6.19 10.28 21.70
CA LEU A 88 7.35 11.16 21.94
C LEU A 88 7.25 12.42 21.07
N VAL A 89 6.98 12.23 19.79
CA VAL A 89 6.80 13.40 18.94
C VAL A 89 5.70 14.28 19.52
N ARG A 90 4.54 13.67 19.84
CA ARG A 90 3.40 14.47 20.29
C ARG A 90 3.72 15.21 21.57
N SER A 91 4.64 14.66 22.38
CA SER A 91 5.02 15.32 23.60
C SER A 91 5.94 16.50 23.38
N LEU A 92 6.60 16.58 22.24
CA LEU A 92 7.54 17.67 22.00
C LEU A 92 6.85 18.93 21.47
N PRO A 93 7.36 20.13 21.86
CA PRO A 93 6.87 21.39 21.27
C PRO A 93 7.07 21.32 19.77
N LYS A 94 6.14 21.94 19.05
CA LYS A 94 6.12 21.90 17.60
C LYS A 94 7.50 22.17 17.01
N GLU A 95 8.14 23.26 17.45
CA GLU A 95 9.45 23.60 16.94
C GLU A 95 10.52 22.58 17.29
N GLU A 96 10.26 21.59 18.18
CA GLU A 96 11.23 20.50 18.43
C GLU A 96 10.90 19.16 17.74
N GLN A 97 9.73 19.05 17.13
CA GLN A 97 9.35 17.85 16.43
C GLN A 97 10.21 17.65 15.20
N PRO A 98 10.56 16.40 14.92
CA PRO A 98 11.43 16.14 13.78
C PRO A 98 10.72 16.37 12.46
N LYS A 99 11.49 16.78 11.46
N LYS A 99 11.51 16.82 11.47
CA LYS A 99 10.98 16.83 10.10
CA LYS A 99 11.05 16.85 10.09
C LYS A 99 11.12 15.49 9.39
C LYS A 99 11.13 15.51 9.40
N GLN A 100 12.04 14.65 9.84
CA GLN A 100 12.21 13.30 9.31
C GLN A 100 12.48 12.33 10.44
N ILE A 101 12.00 11.10 10.29
CA ILE A 101 12.37 10.01 11.18
C ILE A 101 12.95 8.91 10.32
N ILE A 102 14.18 8.51 10.60
CA ILE A 102 14.82 7.45 9.84
C ILE A 102 14.82 6.17 10.69
N VAL A 103 14.20 5.09 10.17
CA VAL A 103 14.16 3.78 10.85
C VAL A 103 15.29 2.91 10.35
N THR A 104 15.96 2.23 11.26
CA THR A 104 17.11 1.41 10.86
C THR A 104 16.75 0.11 10.22
N ARG A 105 15.50 -0.38 10.39
CA ARG A 105 14.97 -1.58 9.76
C ARG A 105 13.70 -1.24 9.00
N LYS A 106 13.56 -1.83 7.81
CA LYS A 106 12.48 -1.47 6.91
C LYS A 106 11.12 -1.94 7.43
N ALA A 107 11.14 -2.99 8.25
CA ALA A 107 9.89 -3.47 8.87
C ALA A 107 9.25 -2.41 9.73
N MET A 108 9.98 -1.38 10.15
CA MET A 108 9.40 -0.30 10.93
C MET A 108 8.65 0.73 10.09
N LEU A 109 8.75 0.69 8.76
CA LEU A 109 8.20 1.80 7.97
C LEU A 109 6.69 1.90 8.13
N ASP A 110 5.96 0.81 7.86
CA ASP A 110 4.51 0.83 7.88
C ASP A 110 3.97 1.06 9.29
N PRO A 111 4.51 0.40 10.33
CA PRO A 111 4.01 0.72 11.67
C PRO A 111 4.17 2.18 11.96
N LEU A 112 5.31 2.80 11.61
CA LEU A 112 5.49 4.18 12.02
C LEU A 112 4.67 5.12 11.16
N GLU A 113 4.59 4.85 9.86
CA GLU A 113 3.75 5.67 8.99
C GLU A 113 2.31 5.72 9.49
N VAL A 114 1.74 4.55 9.77
CA VAL A 114 0.39 4.46 10.31
C VAL A 114 0.26 5.25 11.61
N HIS A 115 1.17 5.08 12.57
CA HIS A 115 1.05 5.86 13.81
C HIS A 115 1.23 7.36 13.62
N MET A 116 1.82 7.79 12.52
CA MET A 116 2.13 9.20 12.30
C MET A 116 1.25 9.85 11.24
N LEU A 117 0.14 9.20 10.87
CA LEU A 117 -0.74 9.75 9.86
C LEU A 117 -1.19 11.16 10.20
N ASP A 118 -1.23 11.49 11.50
CA ASP A 118 -1.59 12.84 11.94
C ASP A 118 -0.49 13.85 11.62
N PHE A 119 0.69 13.40 11.21
CA PHE A 119 1.86 14.26 10.99
C PHE A 119 2.31 14.13 9.53
N PRO A 120 1.44 14.49 8.56
CA PRO A 120 1.72 14.13 7.17
C PRO A 120 2.96 14.80 6.63
N ASN A 121 3.46 15.84 7.31
CA ASN A 121 4.67 16.51 6.92
C ASN A 121 5.95 15.94 7.54
N ILE A 122 5.85 14.96 8.44
CA ILE A 122 7.03 14.25 8.93
C ILE A 122 7.29 13.08 8.00
N ALA A 123 8.44 13.11 7.36
CA ALA A 123 8.85 12.08 6.43
C ALA A 123 9.42 10.89 7.17
N ILE A 124 8.87 9.71 6.90
CA ILE A 124 9.38 8.48 7.49
C ILE A 124 10.25 7.81 6.44
N ARG A 125 11.52 7.54 6.75
CA ARG A 125 12.44 6.98 5.77
C ARG A 125 13.21 5.77 6.28
N PRO A 126 13.52 4.81 5.35
CA PRO A 126 14.54 3.80 5.62
C PRO A 126 15.95 4.32 5.36
N THR A 127 16.94 3.47 5.62
CA THR A 127 18.31 3.77 5.28
C THR A 127 19.01 2.53 4.75
N GLU A 128 19.97 2.74 3.84
N GLU A 128 19.97 2.72 3.84
CA GLU A 128 20.81 1.66 3.35
CA GLU A 128 20.78 1.60 3.41
C GLU A 128 22.02 1.42 4.26
C GLU A 128 22.03 1.40 4.26
N LEU A 129 22.36 2.36 5.13
CA LEU A 129 23.44 2.17 6.08
C LEU A 129 23.16 0.98 6.99
N ARG A 130 24.25 0.31 7.39
CA ARG A 130 24.19 -0.75 8.38
C ARG A 130 24.71 -0.18 9.71
N LEU A 131 23.83 0.48 10.42
CA LEU A 131 24.27 1.13 11.64
C LEU A 131 24.31 0.14 12.81
N PRO A 132 25.26 0.31 13.70
CA PRO A 132 25.44 -0.69 14.79
C PRO A 132 24.66 -0.34 16.06
N PHE A 133 23.51 0.30 15.91
CA PHE A 133 22.82 0.74 17.09
C PHE A 133 22.37 -0.40 17.99
N SER A 134 22.30 -1.63 17.48
CA SER A 134 21.96 -2.76 18.37
C SER A 134 22.94 -2.92 19.52
N ALA A 135 24.16 -2.42 19.36
CA ALA A 135 25.21 -2.48 20.38
C ALA A 135 24.98 -1.50 21.52
N ALA A 136 23.95 -0.67 21.45
CA ALA A 136 23.70 0.27 22.51
C ALA A 136 23.59 -0.40 23.88
N MET A 137 23.14 -1.67 23.96
CA MET A 137 23.09 -2.33 25.25
C MET A 137 24.45 -2.82 25.74
N SER A 138 25.51 -2.59 24.96
CA SER A 138 26.87 -2.80 25.44
C SER A 138 27.45 -1.59 26.11
N ILE A 139 26.75 -0.46 26.11
CA ILE A 139 27.13 0.68 26.93
C ILE A 139 26.60 0.43 28.34
N ASP A 140 27.52 0.26 29.28
CA ASP A 140 27.17 -0.23 30.61
C ASP A 140 26.04 0.59 31.24
N LYS A 141 26.16 1.91 31.22
CA LYS A 141 25.18 2.75 31.91
C LYS A 141 23.78 2.66 31.28
N LEU A 142 23.70 2.47 29.95
CA LEU A 142 22.41 2.27 29.31
C LEU A 142 21.88 0.87 29.58
N SER A 143 22.75 -0.15 29.47
CA SER A 143 22.36 -1.49 29.91
C SER A 143 21.84 -1.48 31.36
N ASP A 144 22.53 -0.75 32.27
CA ASP A 144 22.14 -0.78 33.68
C ASP A 144 20.77 -0.18 33.87
N VAL A 145 20.47 0.90 33.14
CA VAL A 145 19.19 1.53 33.42
C VAL A 145 18.05 0.70 32.85
N VAL A 146 18.25 0.05 31.72
CA VAL A 146 17.21 -0.82 31.19
C VAL A 146 16.94 -2.00 32.13
N MET A 147 18.02 -2.62 32.63
N MET A 147 18.01 -2.64 32.62
N MET A 147 18.01 -2.63 32.65
CA MET A 147 17.88 -3.87 33.37
CA MET A 147 17.82 -3.87 33.37
CA MET A 147 17.81 -3.87 33.37
C MET A 147 17.33 -3.62 34.76
C MET A 147 17.23 -3.59 34.73
C MET A 147 17.27 -3.62 34.77
N LYS A 148 17.54 -2.43 35.32
CA LYS A 148 17.00 -2.10 36.63
C LYS A 148 15.54 -1.64 36.60
N ALA A 149 15.00 -1.28 35.44
CA ALA A 149 13.67 -0.67 35.40
C ALA A 149 12.63 -1.65 35.87
N THR A 150 11.70 -1.16 36.68
CA THR A 150 10.59 -1.97 37.17
C THR A 150 9.27 -1.57 36.58
N GLU A 151 9.28 -0.54 35.75
CA GLU A 151 8.09 -0.03 35.05
C GLU A 151 8.58 0.65 33.79
N PRO A 152 7.67 0.94 32.85
CA PRO A 152 8.05 1.74 31.67
C PRO A 152 8.61 3.08 32.09
N GLN A 153 9.60 3.58 31.36
CA GLN A 153 10.33 4.78 31.75
C GLN A 153 11.09 5.30 30.54
N MET A 154 11.13 6.61 30.42
CA MET A 154 11.94 7.29 29.39
C MET A 154 13.11 7.93 30.09
N VAL A 155 14.32 7.63 29.65
CA VAL A 155 15.54 8.28 30.15
C VAL A 155 16.21 9.01 28.98
N LEU A 156 16.75 10.20 29.25
CA LEU A 156 17.29 11.10 28.25
C LEU A 156 18.79 11.14 28.48
N PHE A 157 19.57 10.86 27.44
CA PHE A 157 21.01 10.90 27.53
C PHE A 157 21.55 11.80 26.42
N ASN A 158 22.79 12.18 26.53
CA ASN A 158 23.57 12.63 25.37
C ASN A 158 24.63 11.58 25.07
N ILE A 159 24.42 10.80 24.00
CA ILE A 159 25.36 9.76 23.63
C ILE A 159 26.71 10.30 23.17
N TYR A 160 26.85 11.61 22.97
CA TYR A 160 28.17 12.17 22.62
C TYR A 160 28.92 12.76 23.84
N ASP A 161 28.39 12.58 25.06
CA ASP A 161 28.92 13.24 26.25
C ASP A 161 29.16 14.71 25.84
N ASP A 162 30.36 15.25 26.07
CA ASP A 162 30.66 16.64 25.77
C ASP A 162 31.45 16.79 24.47
N TRP A 163 31.44 15.76 23.63
CA TRP A 163 32.27 15.82 22.43
C TRP A 163 31.99 17.04 21.55
N LEU A 164 30.73 17.44 21.39
CA LEU A 164 30.48 18.51 20.42
C LEU A 164 31.17 19.81 20.81
N ASP A 165 31.65 19.90 22.03
CA ASP A 165 32.44 21.06 22.44
C ASP A 165 33.72 21.17 21.62
N ARG A 166 34.18 20.07 21.04
CA ARG A 166 35.49 20.01 20.42
C ARG A 166 35.46 19.51 18.98
N ILE A 167 34.44 18.78 18.59
CA ILE A 167 34.37 18.22 17.25
C ILE A 167 32.97 18.51 16.73
N SER A 168 32.80 18.36 15.42
CA SER A 168 31.52 18.50 14.74
C SER A 168 30.64 17.28 14.99
N SER A 169 29.35 17.43 14.67
N SER A 169 29.35 17.40 14.64
CA SER A 169 28.42 16.30 14.74
CA SER A 169 28.43 16.25 14.77
C SER A 169 28.87 15.18 13.82
C SER A 169 28.76 15.16 13.77
N TYR A 170 29.29 15.54 12.59
CA TYR A 170 29.74 14.56 11.64
C TYR A 170 30.80 13.66 12.26
N THR A 171 31.77 14.24 13.01
CA THR A 171 32.86 13.48 13.62
C THR A 171 32.36 12.77 14.85
N ALA A 172 31.41 13.38 15.55
CA ALA A 172 30.91 12.72 16.76
C ALA A 172 30.15 11.47 16.37
N PHE A 173 29.37 11.56 15.31
CA PHE A 173 28.62 10.39 14.85
C PHE A 173 29.55 9.35 14.33
N SER A 174 30.60 9.75 13.59
CA SER A 174 31.53 8.76 13.09
C SER A 174 32.23 8.05 14.24
N ARG A 175 32.56 8.78 15.32
CA ARG A 175 33.14 8.12 16.50
C ARG A 175 32.13 7.14 17.14
N LEU A 176 30.90 7.58 17.29
CA LEU A 176 29.88 6.74 17.94
C LEU A 176 29.71 5.44 17.18
N THR A 177 29.61 5.54 15.87
CA THR A 177 29.35 4.34 15.10
C THR A 177 30.58 3.45 15.08
N LEU A 178 31.77 4.04 15.13
CA LEU A 178 32.94 3.17 15.21
C LEU A 178 33.04 2.47 16.58
N LEU A 179 32.72 3.17 17.66
CA LEU A 179 32.66 2.54 18.98
C LEU A 179 31.60 1.44 19.02
N LEU A 180 30.43 1.70 18.51
CA LEU A 180 29.36 0.72 18.55
C LEU A 180 29.67 -0.46 17.64
N ARG A 181 30.22 -0.20 16.43
CA ARG A 181 30.69 -1.28 15.57
C ARG A 181 31.66 -2.18 16.31
N ALA A 182 32.63 -1.61 17.04
CA ALA A 182 33.62 -2.43 17.73
C ALA A 182 32.95 -3.24 18.85
N LEU A 183 32.13 -2.57 19.64
CA LEU A 183 31.41 -3.27 20.69
C LEU A 183 30.52 -4.38 20.13
N LYS A 184 30.02 -4.20 18.91
CA LYS A 184 29.19 -5.23 18.33
C LYS A 184 30.01 -6.42 17.83
N THR A 185 31.23 -6.17 17.34
N THR A 185 31.22 -6.15 17.35
CA THR A 185 32.01 -7.23 16.74
CA THR A 185 32.02 -7.20 16.73
C THR A 185 32.77 -8.01 17.79
C THR A 185 32.77 -8.00 17.78
N ASN A 186 33.26 -7.33 18.83
CA ASN A 186 33.95 -8.02 19.92
C ASN A 186 33.82 -7.16 21.17
N GLU A 187 32.76 -7.41 21.96
CA GLU A 187 32.49 -6.56 23.10
C GLU A 187 33.62 -6.59 24.12
N GLU A 188 34.17 -7.77 24.39
CA GLU A 188 35.19 -7.85 25.44
C GLU A 188 36.41 -7.00 25.07
N SER A 189 36.93 -7.22 23.86
CA SER A 189 38.06 -6.44 23.38
C SER A 189 37.74 -4.96 23.42
N ALA A 190 36.59 -4.58 22.86
CA ALA A 190 36.24 -3.16 22.84
C ALA A 190 36.24 -2.58 24.24
N LYS A 191 35.58 -3.23 25.19
CA LYS A 191 35.58 -2.68 26.54
C LYS A 191 37.00 -2.63 27.09
N MET A 192 37.79 -3.68 26.85
CA MET A 192 39.17 -3.67 27.32
CA MET A 192 39.18 -3.70 27.29
C MET A 192 39.92 -2.47 26.76
N ILE A 193 39.75 -2.18 25.47
CA ILE A 193 40.37 -0.99 24.90
C ILE A 193 39.92 0.26 25.64
N LEU A 194 38.62 0.37 25.89
CA LEU A 194 38.07 1.61 26.39
C LEU A 194 38.45 1.85 27.85
N LEU A 195 38.73 0.80 28.62
CA LEU A 195 38.95 0.95 30.04
C LEU A 195 40.34 0.55 30.50
N SER A 196 41.24 0.16 29.59
CA SER A 196 42.52 -0.39 30.00
C SER A 196 43.26 0.54 30.95
N ASP A 197 43.17 1.85 30.72
CA ASP A 197 43.97 2.84 31.44
C ASP A 197 43.15 3.43 32.59
N PRO A 198 43.38 3.01 33.83
CA PRO A 198 42.50 3.47 34.94
C PRO A 198 42.60 4.96 35.22
N THR A 199 43.60 5.66 34.69
CA THR A 199 43.70 7.09 34.90
C THR A 199 42.67 7.87 34.10
N ILE A 200 42.07 7.26 33.09
CA ILE A 200 41.02 7.89 32.30
C ILE A 200 39.70 7.31 32.77
N THR A 201 38.85 8.14 33.36
CA THR A 201 37.60 7.70 33.95
C THR A 201 36.40 8.23 33.17
N ILE A 202 35.26 7.67 33.50
CA ILE A 202 33.99 8.09 32.94
C ILE A 202 33.34 9.01 33.96
N LYS A 203 33.07 10.24 33.55
CA LYS A 203 32.44 11.13 34.50
C LYS A 203 31.04 10.60 34.83
N SER A 204 30.57 10.90 36.04
CA SER A 204 29.26 10.38 36.45
C SER A 204 28.13 10.80 35.50
N TYR A 205 28.27 11.95 34.86
CA TYR A 205 27.28 12.45 33.94
C TYR A 205 27.61 12.09 32.47
N HIS A 206 28.48 11.10 32.25
CA HIS A 206 28.90 10.68 30.91
C HIS A 206 28.75 9.18 30.74
N LEU A 207 28.80 8.76 29.50
CA LEU A 207 28.74 7.36 29.16
C LEU A 207 30.09 6.79 28.76
N TRP A 208 30.98 7.64 28.24
CA TRP A 208 32.25 7.20 27.70
C TRP A 208 33.37 7.87 28.49
N PRO A 209 34.57 7.32 28.47
CA PRO A 209 35.66 7.95 29.24
C PRO A 209 36.05 9.35 28.76
N SER A 210 36.73 10.09 29.65
CA SER A 210 37.13 11.48 29.38
C SER A 210 38.48 11.58 28.64
N PHE A 211 38.48 11.11 27.39
CA PHE A 211 39.73 11.07 26.62
C PHE A 211 40.10 12.45 26.09
N THR A 212 41.39 12.79 26.14
CA THR A 212 41.83 13.94 25.37
C THR A 212 41.75 13.64 23.86
N ASP A 213 41.84 14.71 23.05
CA ASP A 213 41.83 14.56 21.60
C ASP A 213 42.86 13.52 21.16
N GLU A 214 44.06 13.60 21.73
CA GLU A 214 45.10 12.67 21.30
C GLU A 214 44.75 11.24 21.70
N GLN A 215 44.23 11.06 22.92
CA GLN A 215 43.85 9.74 23.38
C GLN A 215 42.67 9.18 22.60
N TRP A 216 41.78 10.04 22.11
CA TRP A 216 40.68 9.56 21.27
C TRP A 216 41.21 9.01 19.95
N ILE A 217 42.22 9.68 19.38
CA ILE A 217 42.87 9.23 18.15
C ILE A 217 43.45 7.84 18.32
N THR A 218 44.24 7.65 19.38
CA THR A 218 44.70 6.31 19.71
C THR A 218 43.51 5.37 19.82
N ILE A 219 42.53 5.71 20.66
CA ILE A 219 41.40 4.81 20.88
C ILE A 219 40.76 4.46 19.54
N GLU A 220 40.51 5.48 18.71
CA GLU A 220 39.85 5.23 17.44
C GLU A 220 40.66 4.27 16.57
N SER A 221 42.00 4.42 16.59
N SER A 221 42.00 4.42 16.57
CA SER A 221 42.87 3.49 15.86
CA SER A 221 42.83 3.48 15.84
C SER A 221 42.75 2.07 16.40
C SER A 221 42.71 2.06 16.40
N GLN A 222 42.72 1.92 17.72
CA GLN A 222 42.64 0.57 18.33
C GLN A 222 41.30 -0.08 18.02
N MET A 223 40.22 0.70 17.97
CA MET A 223 38.95 0.15 17.56
C MET A 223 38.95 -0.28 16.10
N ARG A 224 39.63 0.48 15.24
N ARG A 224 39.65 0.48 15.24
CA ARG A 224 39.78 0.06 13.85
CA ARG A 224 39.76 0.05 13.84
C ARG A 224 40.54 -1.25 13.78
C ARG A 224 40.57 -1.23 13.73
N ASP A 225 41.66 -1.34 14.50
CA ASP A 225 42.45 -2.57 14.50
CA ASP A 225 42.44 -2.58 14.50
C ASP A 225 41.60 -3.76 14.99
N LEU A 226 40.78 -3.54 16.02
CA LEU A 226 39.92 -4.61 16.53
C LEU A 226 38.95 -5.09 15.46
N ILE A 227 38.26 -4.14 14.82
CA ILE A 227 37.33 -4.46 13.74
C ILE A 227 38.07 -5.17 12.61
N LEU A 228 39.24 -4.65 12.22
CA LEU A 228 40.04 -5.37 11.23
C LEU A 228 40.48 -6.73 11.77
N THR A 229 41.00 -6.78 12.99
CA THR A 229 41.36 -8.04 13.62
C THR A 229 40.24 -9.06 13.50
N GLU A 230 39.06 -8.73 14.05
CA GLU A 230 37.96 -9.68 14.05
C GLU A 230 37.56 -10.04 12.62
N TYR A 231 37.65 -9.09 11.70
CA TYR A 231 37.36 -9.41 10.32
C TYR A 231 38.27 -10.53 9.85
N GLY A 232 39.57 -10.46 10.19
CA GLY A 232 40.48 -11.53 9.85
C GLY A 232 40.13 -12.85 10.54
N ARG A 233 39.96 -12.81 11.85
CA ARG A 233 39.59 -14.03 12.57
C ARG A 233 38.35 -14.66 11.98
N LYS A 234 37.39 -13.83 11.55
CA LYS A 234 36.15 -14.37 11.01
C LYS A 234 36.38 -15.08 9.68
N TYR A 235 37.02 -14.39 8.74
CA TYR A 235 37.10 -14.85 7.38
C TYR A 235 38.38 -15.63 7.07
N ASN A 236 39.29 -15.78 8.03
CA ASN A 236 40.57 -16.43 7.81
C ASN A 236 41.35 -15.72 6.69
N VAL A 237 41.77 -14.49 7.02
CA VAL A 237 42.48 -13.63 6.07
C VAL A 237 43.84 -13.22 6.61
N MET B 5 -36.46 -7.08 -26.54
CA MET B 5 -35.12 -6.81 -27.14
C MET B 5 -35.02 -5.39 -27.69
N ASN B 6 -33.84 -4.77 -27.61
CA ASN B 6 -33.69 -3.37 -27.98
C ASN B 6 -32.57 -3.20 -29.00
N THR B 7 -32.44 -1.97 -29.49
CA THR B 7 -31.60 -1.73 -30.67
C THR B 7 -30.79 -0.46 -30.45
N VAL B 8 -29.58 -0.44 -30.97
CA VAL B 8 -28.77 0.77 -31.06
C VAL B 8 -28.42 0.90 -32.53
N PRO B 9 -29.20 1.67 -33.28
CA PRO B 9 -28.84 1.92 -34.68
C PRO B 9 -27.61 2.82 -34.80
N PHE B 10 -26.98 2.74 -35.98
CA PHE B 10 -25.84 3.61 -36.30
C PHE B 10 -26.21 4.43 -37.53
N THR B 11 -25.93 5.72 -37.51
CA THR B 11 -26.16 6.45 -38.76
C THR B 11 -25.36 5.84 -39.91
N SER B 12 -24.12 5.44 -39.67
CA SER B 12 -23.20 4.96 -40.71
C SER B 12 -21.90 4.58 -40.02
N ALA B 13 -20.98 3.94 -40.77
CA ALA B 13 -19.69 3.51 -40.25
C ALA B 13 -18.60 4.06 -41.16
N PRO B 14 -18.31 5.34 -41.05
CA PRO B 14 -17.39 5.97 -42.03
C PRO B 14 -15.93 5.60 -41.84
N ILE B 15 -15.52 5.16 -40.65
CA ILE B 15 -14.16 4.70 -40.43
C ILE B 15 -14.15 3.28 -39.89
N GLU B 16 -13.16 2.55 -40.38
CA GLU B 16 -12.91 1.20 -39.97
C GLU B 16 -12.62 1.14 -38.48
N VAL B 17 -13.33 0.25 -37.75
CA VAL B 17 -13.28 0.29 -36.26
C VAL B 17 -13.59 -1.09 -35.67
N THR B 18 -12.95 -1.45 -34.56
CA THR B 18 -13.32 -2.69 -33.86
C THR B 18 -14.46 -2.26 -32.92
N ILE B 19 -15.63 -2.91 -33.01
CA ILE B 19 -16.81 -2.56 -32.19
C ILE B 19 -16.89 -3.62 -31.08
N GLY B 20 -16.89 -3.20 -29.82
CA GLY B 20 -17.12 -4.09 -28.68
C GLY B 20 -18.54 -3.95 -28.18
N ILE B 21 -19.24 -5.02 -27.92
CA ILE B 21 -20.56 -4.86 -27.28
C ILE B 21 -20.47 -5.82 -26.11
N ASP B 22 -20.42 -5.35 -24.86
CA ASP B 22 -20.25 -6.21 -23.67
C ASP B 22 -18.96 -7.03 -23.82
N GLN B 23 -18.93 -8.38 -23.75
CA GLN B 23 -17.72 -9.20 -23.81
C GLN B 23 -17.40 -9.58 -25.26
N TYR B 24 -18.22 -9.17 -26.23
CA TYR B 24 -18.05 -9.50 -27.68
C TYR B 24 -17.35 -8.37 -28.45
N SER B 25 -16.59 -8.72 -29.49
CA SER B 25 -15.98 -7.76 -30.47
C SER B 25 -16.25 -8.25 -31.91
N PHE B 26 -16.33 -7.33 -32.87
CA PHE B 26 -16.46 -7.62 -34.32
C PHE B 26 -15.92 -6.41 -35.09
N ASN B 27 -15.56 -6.61 -36.36
CA ASN B 27 -14.85 -5.66 -37.22
C ASN B 27 -15.82 -5.09 -38.23
N VAL B 28 -15.81 -3.78 -38.34
CA VAL B 28 -16.50 -3.08 -39.41
C VAL B 28 -15.51 -2.34 -40.30
N LYS B 29 -15.65 -2.50 -41.61
CA LYS B 29 -14.71 -1.92 -42.56
C LYS B 29 -15.16 -0.53 -43.01
N GLU B 30 -14.19 0.29 -43.39
CA GLU B 30 -14.44 1.69 -43.77
C GLU B 30 -15.56 1.83 -44.79
N ASN B 31 -16.63 2.52 -44.39
CA ASN B 31 -17.81 2.71 -45.23
C ASN B 31 -18.57 1.41 -45.51
N GLN B 32 -18.46 0.40 -44.65
CA GLN B 32 -19.30 -0.78 -44.80
C GLN B 32 -20.76 -0.41 -44.50
N PRO B 33 -21.73 -1.10 -45.11
CA PRO B 33 -23.16 -0.78 -44.86
C PRO B 33 -23.66 -1.32 -43.52
N PHE B 34 -23.20 -0.72 -42.44
CA PHE B 34 -23.49 -1.17 -41.09
C PHE B 34 -24.39 -0.17 -40.43
N HIS B 35 -25.51 -0.64 -39.93
CA HIS B 35 -26.38 0.32 -39.28
C HIS B 35 -26.80 -0.11 -37.89
N GLY B 36 -26.01 -0.96 -37.25
CA GLY B 36 -26.01 -1.04 -35.80
C GLY B 36 -26.18 -2.44 -35.24
N ILE B 37 -26.60 -2.49 -33.98
CA ILE B 37 -26.80 -3.75 -33.24
C ILE B 37 -28.26 -3.83 -32.75
N LYS B 38 -28.89 -4.99 -32.92
CA LYS B 38 -30.26 -5.35 -32.52
C LYS B 38 -30.26 -6.55 -31.57
N ASP B 39 -31.47 -6.88 -31.00
CA ASP B 39 -31.70 -8.03 -30.08
C ASP B 39 -30.86 -7.94 -28.79
N ILE B 40 -30.59 -6.70 -28.39
CA ILE B 40 -29.85 -6.39 -27.17
C ILE B 40 -30.76 -6.73 -25.99
N PRO B 41 -30.35 -7.61 -25.07
CA PRO B 41 -31.21 -8.00 -23.94
C PRO B 41 -31.56 -6.81 -23.09
N ILE B 42 -32.86 -6.58 -22.98
CA ILE B 42 -33.41 -5.67 -22.02
C ILE B 42 -33.17 -6.24 -20.64
N GLY B 43 -32.85 -5.37 -19.73
CA GLY B 43 -32.77 -5.78 -18.36
C GLY B 43 -31.41 -5.65 -17.78
N HIS B 44 -30.37 -5.44 -18.60
CA HIS B 44 -29.04 -5.28 -18.09
C HIS B 44 -28.51 -3.96 -18.55
N VAL B 45 -27.47 -3.50 -17.89
N VAL B 45 -27.53 -3.44 -17.84
CA VAL B 45 -26.66 -2.39 -18.40
CA VAL B 45 -26.70 -2.40 -18.47
C VAL B 45 -25.69 -2.96 -19.43
C VAL B 45 -25.93 -3.03 -19.63
N HIS B 46 -25.40 -2.17 -20.46
CA HIS B 46 -24.55 -2.61 -21.54
C HIS B 46 -23.45 -1.56 -21.76
N VAL B 47 -22.46 -1.98 -22.51
CA VAL B 47 -21.39 -1.05 -22.92
C VAL B 47 -21.09 -1.33 -24.38
N ILE B 48 -21.18 -0.30 -25.23
N ILE B 48 -21.17 -0.29 -25.23
CA ILE B 48 -20.77 -0.46 -26.65
CA ILE B 48 -20.77 -0.44 -26.64
C ILE B 48 -19.37 0.17 -26.62
C ILE B 48 -19.37 0.17 -26.62
N HIS B 49 -18.44 -0.38 -27.51
CA HIS B 49 -17.08 0.32 -27.24
C HIS B 49 -16.29 0.26 -28.54
N PHE B 50 -15.26 1.08 -28.71
CA PHE B 50 -14.67 1.20 -30.06
C PHE B 50 -13.15 1.19 -29.94
N GLN B 51 -12.50 0.79 -31.00
CA GLN B 51 -11.04 0.75 -31.14
C GLN B 51 -10.72 0.96 -32.60
N HIS B 52 -10.60 2.22 -33.03
CA HIS B 52 -10.28 2.62 -34.43
C HIS B 52 -9.19 1.73 -35.05
N ALA B 53 -9.34 1.31 -36.31
CA ALA B 53 -8.41 0.42 -36.98
C ALA B 53 -7.11 1.14 -37.20
N ASP B 54 -7.20 2.43 -37.50
CA ASP B 54 -6.04 3.22 -37.90
C ASP B 54 -5.35 3.87 -36.71
N ASN B 55 -5.96 3.84 -35.53
CA ASN B 55 -5.30 4.37 -34.34
C ASN B 55 -5.85 3.59 -33.16
N SER B 56 -5.28 2.43 -32.89
CA SER B 56 -5.69 1.65 -31.73
C SER B 56 -5.53 2.42 -30.43
N SER B 57 -4.89 3.59 -30.46
CA SER B 57 -4.83 4.44 -29.29
C SER B 57 -6.22 4.94 -28.92
N MET B 58 -6.42 5.07 -27.61
N MET B 58 -6.43 5.08 -27.61
CA MET B 58 -7.68 5.51 -26.95
CA MET B 58 -7.69 5.51 -26.96
C MET B 58 -8.90 4.60 -27.19
C MET B 58 -8.92 4.60 -27.19
N ARG B 59 -8.88 3.36 -26.49
CA ARG B 59 -10.27 2.71 -26.72
C ARG B 59 -11.29 3.57 -25.97
N TYR B 60 -12.52 3.68 -26.46
CA TYR B 60 -13.55 4.45 -25.73
C TYR B 60 -14.88 3.76 -25.93
N GLY B 61 -15.96 4.24 -25.30
CA GLY B 61 -17.24 3.52 -25.29
C GLY B 61 -18.24 4.16 -24.34
N TYR B 62 -19.44 3.55 -24.33
CA TYR B 62 -20.57 4.13 -23.65
C TYR B 62 -21.33 3.06 -22.90
N TRP B 63 -21.54 3.34 -21.63
CA TRP B 63 -22.41 2.53 -20.78
C TRP B 63 -23.81 3.06 -20.91
N PHE B 64 -24.75 2.18 -21.24
CA PHE B 64 -26.12 2.59 -21.33
C PHE B 64 -27.07 1.47 -20.88
N ASP B 65 -28.30 1.87 -20.68
CA ASP B 65 -29.45 0.97 -20.42
C ASP B 65 -30.58 1.38 -21.37
N CYS B 66 -30.95 0.46 -22.25
CA CYS B 66 -31.98 0.74 -23.26
C CYS B 66 -33.33 1.11 -22.67
N ARG B 67 -33.60 0.71 -21.43
CA ARG B 67 -34.84 1.16 -20.81
C ARG B 67 -34.85 2.66 -20.57
N MET B 68 -33.70 3.31 -20.55
N MET B 68 -33.70 3.31 -20.55
CA MET B 68 -33.64 4.73 -20.16
CA MET B 68 -33.61 4.72 -20.15
C MET B 68 -33.73 5.69 -21.34
C MET B 68 -33.78 5.68 -21.32
N GLY B 69 -33.93 5.18 -22.53
CA GLY B 69 -34.18 6.02 -23.68
C GLY B 69 -33.73 5.33 -24.95
N ASN B 70 -34.00 6.01 -26.08
CA ASN B 70 -33.67 5.48 -27.39
C ASN B 70 -32.32 6.06 -27.82
N PHE B 71 -31.33 5.20 -27.98
CA PHE B 71 -29.99 5.67 -28.22
C PHE B 71 -29.48 5.16 -29.55
N TYR B 72 -28.67 5.98 -30.17
CA TYR B 72 -28.04 5.63 -31.42
C TYR B 72 -26.61 6.12 -31.41
N ILE B 73 -25.86 5.68 -32.41
CA ILE B 73 -24.45 6.05 -32.60
C ILE B 73 -24.32 6.80 -33.92
N GLN B 74 -23.52 7.83 -33.90
CA GLN B 74 -23.28 8.66 -35.09
C GLN B 74 -21.83 9.09 -35.07
N TYR B 75 -21.10 8.80 -36.14
CA TYR B 75 -19.73 9.28 -36.26
C TYR B 75 -19.69 10.80 -36.34
N ASP B 76 -18.76 11.41 -35.65
CA ASP B 76 -18.62 12.86 -35.65
C ASP B 76 -17.28 13.13 -36.33
N PRO B 77 -17.24 13.59 -37.58
CA PRO B 77 -15.91 13.78 -38.27
C PRO B 77 -15.06 14.94 -37.75
N LYS B 78 -15.60 15.80 -36.87
CA LYS B 78 -14.81 16.86 -36.30
C LYS B 78 -14.06 16.33 -35.10
N ASP B 79 -14.81 15.73 -34.14
CA ASP B 79 -14.20 15.13 -32.97
C ASP B 79 -13.59 13.79 -33.30
N GLY B 80 -13.89 13.22 -34.45
CA GLY B 80 -13.21 11.99 -34.82
C GLY B 80 -13.59 10.79 -33.95
N LEU B 81 -14.84 10.70 -33.55
CA LEU B 81 -15.23 9.48 -32.87
C LEU B 81 -16.71 9.17 -33.05
N TYR B 82 -16.99 7.90 -32.82
CA TYR B 82 -18.36 7.37 -32.77
C TYR B 82 -18.97 7.88 -31.47
N LYS B 83 -20.02 8.72 -31.60
CA LYS B 83 -20.71 9.30 -30.45
C LYS B 83 -22.09 8.72 -30.21
N MET B 84 -22.39 8.44 -28.94
CA MET B 84 -23.73 8.07 -28.58
C MET B 84 -24.61 9.31 -28.44
N MET B 85 -25.84 9.18 -28.92
CA MET B 85 -26.83 10.21 -28.81
C MET B 85 -28.18 9.61 -28.47
N GLU B 86 -29.04 10.48 -27.96
CA GLU B 86 -30.41 10.11 -27.64
C GLU B 86 -31.36 10.70 -28.68
N GLU B 87 -32.29 9.87 -29.18
CA GLU B 87 -33.36 10.33 -30.05
C GLU B 87 -34.58 10.48 -29.16
N ARG B 88 -35.10 11.71 -29.08
CA ARG B 88 -36.29 11.97 -28.27
C ARG B 88 -37.59 11.74 -29.05
N ASP B 89 -37.54 11.88 -30.38
CA ASP B 89 -38.72 11.60 -31.20
C ASP B 89 -38.90 10.09 -31.30
N GLY B 90 -39.80 9.53 -30.48
CA GLY B 90 -39.93 8.07 -30.44
C GLY B 90 -40.36 7.48 -31.78
N ALA B 91 -41.30 8.12 -32.46
CA ALA B 91 -41.80 7.56 -33.71
C ALA B 91 -40.75 7.64 -34.80
N LYS B 92 -39.94 8.70 -34.81
CA LYS B 92 -38.82 8.73 -35.72
C LYS B 92 -37.91 7.52 -35.48
N PHE B 93 -37.64 7.21 -34.21
CA PHE B 93 -36.68 6.17 -33.87
C PHE B 93 -37.19 4.81 -34.32
N GLU B 94 -38.45 4.49 -33.97
CA GLU B 94 -39.00 3.20 -34.34
C GLU B 94 -38.99 3.05 -35.85
N ASN B 95 -39.30 4.14 -36.55
CA ASN B 95 -39.31 4.08 -38.01
C ASN B 95 -37.93 3.83 -38.57
N ILE B 96 -36.94 4.56 -38.05
CA ILE B 96 -35.56 4.35 -38.46
C ILE B 96 -35.14 2.90 -38.24
N VAL B 97 -35.31 2.40 -37.01
CA VAL B 97 -34.91 1.04 -36.69
C VAL B 97 -35.63 0.01 -37.59
N HIS B 98 -36.96 0.15 -37.72
CA HIS B 98 -37.71 -0.84 -38.52
C HIS B 98 -37.17 -0.93 -39.94
N ASN B 99 -36.83 0.19 -40.57
CA ASN B 99 -36.24 0.16 -41.91
C ASN B 99 -34.89 -0.58 -41.92
N PHE B 100 -33.98 -0.22 -41.02
CA PHE B 100 -32.69 -0.90 -40.99
C PHE B 100 -32.87 -2.41 -40.78
N LYS B 101 -33.83 -2.80 -39.92
CA LYS B 101 -34.12 -4.21 -39.71
C LYS B 101 -34.62 -4.84 -40.99
N GLU B 102 -35.54 -4.19 -41.71
CA GLU B 102 -36.09 -4.76 -42.93
C GLU B 102 -34.98 -4.92 -43.99
N ARG B 103 -34.07 -3.97 -44.08
CA ARG B 103 -32.93 -4.11 -44.97
C ARG B 103 -31.77 -4.91 -44.35
N GLN B 104 -31.94 -5.48 -43.15
CA GLN B 104 -30.94 -6.37 -42.55
C GLN B 104 -29.55 -5.76 -42.51
N MET B 105 -29.53 -4.50 -42.14
CA MET B 105 -28.28 -3.78 -42.01
C MET B 105 -27.71 -3.86 -40.61
N MET B 106 -28.24 -4.70 -39.72
CA MET B 106 -27.82 -4.73 -38.32
C MET B 106 -27.35 -6.11 -37.90
N VAL B 107 -26.29 -6.18 -37.12
CA VAL B 107 -25.85 -7.48 -36.62
C VAL B 107 -26.72 -7.72 -35.39
N SER B 108 -26.79 -8.95 -34.97
CA SER B 108 -27.65 -9.23 -33.83
C SER B 108 -26.80 -9.68 -32.62
N TYR B 109 -27.10 -9.15 -31.44
CA TYR B 109 -26.47 -9.54 -30.18
C TYR B 109 -26.69 -11.06 -30.16
N PRO B 110 -25.66 -11.93 -30.17
CA PRO B 110 -25.85 -13.36 -30.32
C PRO B 110 -25.69 -14.02 -28.97
N LYS B 111 -26.61 -13.72 -28.09
CA LYS B 111 -26.61 -14.35 -26.78
C LYS B 111 -26.97 -15.82 -26.91
N ILE B 112 -26.01 -16.68 -26.53
CA ILE B 112 -26.27 -18.10 -26.32
C ILE B 112 -27.22 -18.23 -25.12
N ASP B 113 -28.16 -19.17 -25.22
CA ASP B 113 -29.23 -19.25 -24.22
C ASP B 113 -28.76 -19.94 -22.94
N GLU B 114 -27.73 -20.79 -23.03
CA GLU B 114 -27.08 -21.33 -21.85
C GLU B 114 -26.20 -20.30 -21.14
N ASP B 115 -25.99 -19.13 -21.74
CA ASP B 115 -24.90 -18.26 -21.35
C ASP B 115 -25.38 -17.19 -20.38
N ASP B 116 -24.89 -17.24 -19.12
CA ASP B 116 -25.11 -16.17 -18.15
C ASP B 116 -23.90 -15.26 -17.93
N THR B 117 -22.93 -15.26 -18.84
CA THR B 117 -21.73 -14.45 -18.62
C THR B 117 -22.02 -12.99 -18.30
N TRP B 118 -22.85 -12.33 -19.12
CA TRP B 118 -22.95 -10.88 -18.97
C TRP B 118 -23.67 -10.54 -17.67
N TYR B 119 -24.74 -11.27 -17.40
CA TYR B 119 -25.41 -11.09 -16.13
C TYR B 119 -24.44 -11.29 -14.97
N ASN B 120 -23.61 -12.33 -15.05
CA ASN B 120 -22.70 -12.61 -13.93
C ASN B 120 -21.62 -11.52 -13.78
N LEU B 121 -21.30 -10.78 -14.86
CA LEU B 121 -20.32 -9.70 -14.73
C LEU B 121 -20.93 -8.38 -14.35
N THR B 122 -22.26 -8.23 -14.50
CA THR B 122 -22.95 -6.98 -14.23
C THR B 122 -24.04 -7.13 -13.20
N GLU B 123 -24.00 -8.17 -12.39
CA GLU B 123 -25.17 -8.47 -11.57
C GLU B 123 -25.61 -7.30 -10.69
N PHE B 124 -24.64 -6.63 -10.05
CA PHE B 124 -24.84 -5.50 -9.16
C PHE B 124 -24.56 -4.14 -9.80
N VAL B 125 -24.31 -4.09 -11.09
CA VAL B 125 -24.08 -2.81 -11.75
C VAL B 125 -25.40 -2.12 -12.15
N GLN B 126 -25.57 -0.89 -11.73
N GLN B 126 -25.57 -0.90 -11.69
CA GLN B 126 -26.80 -0.15 -12.01
CA GLN B 126 -26.75 -0.09 -11.97
C GLN B 126 -26.43 1.16 -12.69
C GLN B 126 -26.35 1.15 -12.76
N MET B 127 -27.15 1.50 -13.76
CA MET B 127 -26.86 2.73 -14.51
C MET B 127 -26.80 3.95 -13.58
N ASP B 128 -27.70 4.04 -12.61
CA ASP B 128 -27.70 5.22 -11.74
C ASP B 128 -26.38 5.34 -11.01
N LYS B 129 -25.80 4.22 -10.56
CA LYS B 129 -24.51 4.31 -9.88
C LYS B 129 -23.39 4.67 -10.86
N ILE B 130 -23.37 4.04 -12.04
CA ILE B 130 -22.39 4.42 -13.07
C ILE B 130 -22.39 5.93 -13.27
N ARG B 131 -23.58 6.54 -13.39
CA ARG B 131 -23.68 7.98 -13.67
C ARG B 131 -23.11 8.86 -12.55
N LYS B 132 -23.04 8.35 -11.31
CA LYS B 132 -22.38 9.10 -10.25
C LYS B 132 -20.87 8.93 -10.33
N ILE B 133 -20.39 7.78 -10.81
CA ILE B 133 -18.96 7.62 -10.97
C ILE B 133 -18.46 8.44 -12.17
N VAL B 134 -19.27 8.54 -13.22
CA VAL B 134 -18.94 9.22 -14.46
C VAL B 134 -19.87 10.41 -14.56
N ARG B 135 -19.39 11.59 -14.25
CA ARG B 135 -20.26 12.76 -14.15
C ARG B 135 -20.39 13.46 -15.50
N LYS B 136 -21.61 13.44 -16.05
CA LYS B 136 -21.97 14.16 -17.27
C LYS B 136 -23.49 14.15 -17.39
N ASP B 137 -24.16 14.89 -16.53
CA ASP B 137 -25.55 14.62 -16.22
C ASP B 137 -26.53 14.97 -17.33
N GLU B 138 -26.10 15.63 -18.41
CA GLU B 138 -27.04 15.91 -19.49
C GLU B 138 -27.25 14.72 -20.40
N ASN B 139 -26.51 13.64 -20.22
CA ASN B 139 -26.76 12.42 -20.98
C ASN B 139 -27.18 11.30 -20.04
N GLN B 140 -28.00 10.36 -20.57
CA GLN B 140 -28.48 9.18 -19.85
C GLN B 140 -27.54 7.99 -19.95
N PHE B 141 -26.50 8.13 -20.77
CA PHE B 141 -25.46 7.15 -21.01
C PHE B 141 -24.16 7.79 -20.56
N SER B 142 -23.11 6.96 -20.40
CA SER B 142 -21.88 7.38 -19.75
C SER B 142 -20.65 7.02 -20.58
N TYR B 143 -19.83 8.04 -20.93
CA TYR B 143 -18.66 7.82 -21.79
C TYR B 143 -17.48 7.47 -20.91
N VAL B 144 -16.73 6.42 -21.28
CA VAL B 144 -15.45 6.11 -20.63
C VAL B 144 -14.40 5.85 -21.71
N ASP B 145 -13.11 6.05 -21.38
CA ASP B 145 -12.01 5.69 -22.30
C ASP B 145 -10.73 5.29 -21.54
N SER B 146 -9.75 4.76 -22.29
CA SER B 146 -8.49 4.26 -21.73
C SER B 146 -7.81 5.27 -20.84
N SER B 147 -7.87 6.57 -21.17
CA SER B 147 -6.97 7.49 -20.49
C SER B 147 -7.63 8.19 -19.33
N MET B 148 -8.93 8.04 -19.13
CA MET B 148 -9.55 8.75 -18.03
C MET B 148 -8.91 8.35 -16.71
N THR B 149 -8.64 9.32 -15.88
CA THR B 149 -8.08 9.11 -14.55
C THR B 149 -9.16 9.09 -13.48
N THR B 150 -8.79 8.62 -12.31
CA THR B 150 -9.67 8.51 -11.15
C THR B 150 -9.43 9.67 -10.17
N VAL B 151 -10.45 9.95 -9.35
CA VAL B 151 -10.33 10.99 -8.35
C VAL B 151 -9.07 10.79 -7.52
N GLN B 152 -8.75 9.55 -7.18
CA GLN B 152 -7.57 9.29 -6.36
C GLN B 152 -6.30 9.48 -7.16
N GLU B 153 -6.31 9.11 -8.44
CA GLU B 153 -5.14 9.35 -9.28
C GLU B 153 -4.82 10.84 -9.38
N ASN B 154 -5.83 11.70 -9.35
CA ASN B 154 -5.61 13.15 -9.46
C ASN B 154 -5.09 13.74 -8.15
N GLU B 155 -5.38 13.11 -7.02
CA GLU B 155 -4.84 13.56 -5.75
C GLU B 155 -3.36 13.23 -5.64
N LEU B 156 -2.91 12.17 -6.31
CA LEU B 156 -1.52 11.75 -6.22
C LEU B 156 -0.74 12.19 -7.46
N SER B 161 -6.21 15.24 -14.77
CA SER B 161 -6.22 16.34 -13.83
C SER B 161 -7.47 17.22 -14.03
N ASP B 162 -8.17 17.00 -15.15
CA ASP B 162 -9.44 17.67 -15.45
C ASP B 162 -10.55 16.98 -14.67
N PRO B 163 -11.13 17.64 -13.66
CA PRO B 163 -12.07 16.92 -12.77
C PRO B 163 -13.39 16.51 -13.43
N ALA B 164 -13.75 17.10 -14.58
CA ALA B 164 -15.02 16.76 -15.22
C ALA B 164 -14.94 15.41 -15.94
N HIS B 165 -13.76 15.07 -16.43
CA HIS B 165 -13.48 13.86 -17.21
C HIS B 165 -12.82 12.79 -16.34
N SER B 166 -13.20 12.71 -15.08
CA SER B 166 -12.60 11.77 -14.14
C SER B 166 -13.56 10.62 -13.86
N LEU B 167 -13.00 9.53 -13.34
CA LEU B 167 -13.75 8.42 -12.77
C LEU B 167 -13.81 8.62 -11.26
N ASN B 168 -15.00 8.93 -10.75
N ASN B 168 -15.01 8.89 -10.77
CA ASN B 168 -15.14 9.25 -9.34
CA ASN B 168 -15.23 9.21 -9.37
C ASN B 168 -15.44 7.98 -8.53
C ASN B 168 -15.46 7.95 -8.54
N TYR B 169 -14.53 7.02 -8.62
CA TYR B 169 -14.65 5.87 -7.77
C TYR B 169 -14.47 6.27 -6.32
N THR B 170 -14.88 5.36 -5.44
CA THR B 170 -14.75 5.59 -4.01
C THR B 170 -13.29 5.44 -3.60
N VAL B 171 -12.78 6.42 -2.88
CA VAL B 171 -11.36 6.41 -2.57
C VAL B 171 -11.08 5.38 -1.47
N ILE B 172 -10.17 4.46 -1.75
CA ILE B 172 -9.71 3.47 -0.79
C ILE B 172 -8.20 3.65 -0.60
N ASN B 173 -7.78 3.82 0.65
CA ASN B 173 -6.38 4.08 0.96
C ASN B 173 -6.13 3.50 2.35
N PHE B 174 -5.44 2.36 2.39
CA PHE B 174 -5.24 1.62 3.66
C PHE B 174 -4.41 2.39 4.67
N LYS B 175 -3.56 3.33 4.24
CA LYS B 175 -2.78 4.15 5.17
C LYS B 175 -3.37 5.54 5.15
N SER B 176 -4.64 5.66 5.55
CA SER B 176 -5.30 6.93 5.66
C SER B 176 -6.02 6.97 7.02
N ARG B 177 -6.29 8.19 7.50
CA ARG B 177 -6.99 8.31 8.78
C ARG B 177 -8.39 7.73 8.70
N GLU B 178 -9.01 7.76 7.52
CA GLU B 178 -10.33 7.15 7.36
C GLU B 178 -10.26 5.66 7.62
N ALA B 179 -9.16 5.03 7.24
CA ALA B 179 -8.99 3.60 7.34
C ALA B 179 -8.50 3.14 8.71
N ILE B 180 -8.04 4.06 9.56
CA ILE B 180 -7.30 3.71 10.77
C ILE B 180 -7.85 4.49 11.95
N ARG B 181 -8.40 3.78 12.92
CA ARG B 181 -8.93 4.45 14.10
C ARG B 181 -7.77 4.85 15.02
N PRO B 182 -7.73 6.09 15.48
CA PRO B 182 -6.80 6.43 16.57
C PRO B 182 -6.88 5.40 17.69
N GLY B 183 -5.72 4.94 18.14
CA GLY B 183 -5.67 3.97 19.20
C GLY B 183 -5.74 2.52 18.76
N HIS B 184 -6.20 2.25 17.54
CA HIS B 184 -6.26 0.88 17.03
C HIS B 184 -5.39 0.73 15.80
N GLU B 185 -4.30 1.48 15.75
CA GLU B 185 -3.43 1.53 14.57
C GLU B 185 -3.07 0.12 14.11
N MET B 186 -2.44 -0.67 14.99
CA MET B 186 -2.02 -1.98 14.54
C MET B 186 -3.21 -2.86 14.23
N GLU B 187 -4.25 -2.79 15.06
CA GLU B 187 -5.40 -3.66 14.83
C GLU B 187 -6.03 -3.35 13.48
N ASP B 188 -6.32 -2.08 13.23
CA ASP B 188 -7.00 -1.71 11.99
C ASP B 188 -6.13 -1.84 10.74
N PHE B 189 -4.81 -1.80 10.86
CA PHE B 189 -4.00 -1.95 9.67
C PHE B 189 -3.77 -3.40 9.32
N LEU B 190 -3.68 -4.25 10.32
CA LEU B 190 -3.49 -5.66 10.03
C LEU B 190 -4.78 -6.41 9.76
N ASP B 191 -5.94 -5.95 10.26
CA ASP B 191 -7.27 -6.53 10.00
C ASP B 191 -8.19 -5.37 9.65
N LYS B 192 -8.59 -5.29 8.40
CA LYS B 192 -9.27 -4.09 7.97
C LYS B 192 -10.78 -4.17 8.13
N SER B 193 -11.31 -5.00 9.03
CA SER B 193 -12.76 -5.14 9.12
C SER B 193 -13.50 -3.83 9.45
N TYR B 194 -12.92 -2.96 10.27
N TYR B 194 -12.93 -2.99 10.31
N TYR B 194 -12.93 -2.97 10.29
CA TYR B 194 -13.65 -1.73 10.57
CA TYR B 194 -13.56 -1.69 10.61
CA TYR B 194 -13.60 -1.72 10.59
C TYR B 194 -13.74 -0.83 9.36
C TYR B 194 -13.75 -0.89 9.33
C TYR B 194 -13.74 -0.87 9.34
N TYR B 195 -12.67 -0.81 8.54
CA TYR B 195 -12.66 0.00 7.35
C TYR B 195 -13.67 -0.54 6.35
N LEU B 196 -13.67 -1.85 6.13
CA LEU B 196 -14.67 -2.46 5.25
C LEU B 196 -16.08 -2.29 5.78
N ASN B 197 -16.32 -2.71 7.01
CA ASN B 197 -17.71 -2.88 7.44
C ASN B 197 -18.33 -1.56 7.92
N THR B 198 -17.62 -0.81 8.75
CA THR B 198 -18.18 0.42 9.28
C THR B 198 -17.97 1.61 8.37
N VAL B 199 -16.75 1.81 7.87
CA VAL B 199 -16.49 2.99 7.05
C VAL B 199 -17.17 2.84 5.70
N MET B 200 -16.86 1.75 4.99
CA MET B 200 -17.24 1.63 3.58
C MET B 200 -18.65 1.07 3.43
N LEU B 201 -18.90 -0.12 3.96
CA LEU B 201 -20.22 -0.73 3.78
C LEU B 201 -21.32 0.08 4.46
N GLN B 202 -21.21 0.29 5.77
N GLN B 202 -21.22 0.28 5.76
CA GLN B 202 -22.26 1.02 6.47
CA GLN B 202 -22.28 1.03 6.44
C GLN B 202 -22.22 2.51 6.13
C GLN B 202 -22.22 2.50 6.09
N GLY B 203 -21.02 3.10 6.10
CA GLY B 203 -20.85 4.53 5.89
C GLY B 203 -21.05 5.07 4.48
N ILE B 204 -20.41 4.46 3.49
CA ILE B 204 -20.34 5.04 2.15
C ILE B 204 -21.23 4.31 1.16
N PHE B 205 -21.11 2.98 1.09
CA PHE B 205 -21.88 2.24 0.12
C PHE B 205 -23.27 1.89 0.61
N LYS B 206 -23.47 1.82 1.92
CA LYS B 206 -24.77 1.51 2.51
C LYS B 206 -25.04 0.01 2.47
N ASN B 207 -24.67 -0.68 1.39
CA ASN B 207 -24.81 -2.14 1.36
C ASN B 207 -23.74 -2.74 0.47
N SER B 208 -23.62 -4.07 0.56
CA SER B 208 -22.64 -4.80 -0.22
C SER B 208 -23.00 -4.84 -1.71
N SER B 209 -24.27 -4.63 -2.06
CA SER B 209 -24.64 -4.64 -3.47
C SER B 209 -24.05 -3.45 -4.21
N ASN B 210 -24.12 -2.27 -3.61
CA ASN B 210 -23.49 -1.11 -4.24
C ASN B 210 -21.97 -1.29 -4.27
N TYR B 211 -21.40 -1.89 -3.21
CA TYR B 211 -19.95 -2.15 -3.18
C TYR B 211 -19.55 -3.05 -4.33
N PHE B 212 -20.28 -4.15 -4.49
CA PHE B 212 -19.97 -5.09 -5.57
C PHE B 212 -20.21 -4.46 -6.92
N GLY B 213 -21.15 -3.52 -7.00
CA GLY B 213 -21.47 -2.93 -8.30
C GLY B 213 -20.30 -2.07 -8.80
N GLU B 214 -19.74 -1.26 -7.90
CA GLU B 214 -18.51 -0.50 -8.19
C GLU B 214 -17.36 -1.41 -8.56
N LEU B 215 -17.10 -2.45 -7.76
CA LEU B 215 -16.06 -3.43 -8.08
C LEU B 215 -16.24 -4.02 -9.48
N GLN B 216 -17.47 -4.46 -9.81
CA GLN B 216 -17.71 -5.01 -11.14
C GLN B 216 -17.46 -3.94 -12.24
N PHE B 217 -17.96 -2.71 -12.03
CA PHE B 217 -17.78 -1.63 -13.00
C PHE B 217 -16.31 -1.32 -13.18
N ALA B 218 -15.54 -1.35 -12.09
CA ALA B 218 -14.10 -1.09 -12.20
C ALA B 218 -13.44 -2.19 -13.00
N PHE B 219 -13.76 -3.46 -12.74
CA PHE B 219 -13.11 -4.47 -13.55
C PHE B 219 -13.41 -4.30 -15.03
N LEU B 220 -14.71 -4.12 -15.35
CA LEU B 220 -15.11 -4.03 -16.76
C LEU B 220 -14.40 -2.87 -17.45
N ASN B 221 -14.26 -1.72 -16.78
CA ASN B 221 -13.60 -0.59 -17.41
CA ASN B 221 -13.59 -0.59 -17.40
C ASN B 221 -12.12 -0.92 -17.62
N ALA B 222 -11.57 -1.61 -16.63
CA ALA B 222 -10.17 -2.03 -16.62
C ALA B 222 -9.94 -2.97 -17.79
N MET B 223 -10.77 -3.98 -18.00
CA MET B 223 -10.58 -4.95 -19.10
C MET B 223 -10.94 -4.40 -20.49
N PHE B 224 -12.07 -3.70 -20.63
CA PHE B 224 -12.56 -3.17 -21.93
C PHE B 224 -11.75 -1.99 -22.46
N PHE B 225 -11.33 -1.07 -21.61
CA PHE B 225 -10.59 0.14 -22.04
C PHE B 225 -9.12 0.08 -21.63
N GLY B 226 -8.71 -0.96 -20.93
CA GLY B 226 -7.36 -0.90 -20.36
C GLY B 226 -7.18 0.33 -19.52
N ASN B 227 -8.21 0.72 -18.78
CA ASN B 227 -8.18 1.86 -17.89
C ASN B 227 -7.39 1.49 -16.64
N TYR B 228 -6.22 2.08 -16.48
CA TYR B 228 -5.34 1.64 -15.41
C TYR B 228 -5.90 1.96 -14.03
N GLY B 229 -6.47 3.16 -13.84
CA GLY B 229 -7.04 3.53 -12.55
C GLY B 229 -8.19 2.63 -12.16
N SER B 230 -8.94 2.17 -13.15
CA SER B 230 -9.99 1.19 -12.90
C SER B 230 -9.42 -0.13 -12.41
N SER B 231 -8.31 -0.57 -12.99
CA SER B 231 -7.68 -1.79 -12.54
C SER B 231 -7.22 -1.64 -11.11
N LEU B 232 -6.70 -0.45 -10.74
CA LEU B 232 -6.26 -0.24 -9.35
C LEU B 232 -7.45 -0.31 -8.38
N GLN B 233 -8.58 0.23 -8.79
CA GLN B 233 -9.77 0.26 -7.95
C GLN B 233 -10.30 -1.15 -7.72
N TRP B 234 -10.40 -1.94 -8.79
CA TRP B 234 -10.80 -3.34 -8.67
C TRP B 234 -9.91 -4.06 -7.68
N HIS B 235 -8.59 -3.96 -7.85
CA HIS B 235 -7.74 -4.72 -6.94
C HIS B 235 -7.88 -4.23 -5.50
N ALA B 236 -7.98 -2.90 -5.31
CA ALA B 236 -8.15 -2.33 -3.97
C ALA B 236 -9.39 -2.91 -3.29
N MET B 237 -10.51 -2.97 -4.01
CA MET B 237 -11.76 -3.41 -3.39
C MET B 237 -11.76 -4.90 -3.05
N ILE B 238 -11.12 -5.71 -3.89
CA ILE B 238 -10.83 -7.10 -3.53
C ILE B 238 -9.92 -7.17 -2.30
N GLU B 239 -8.84 -6.40 -2.30
CA GLU B 239 -7.90 -6.55 -1.20
C GLU B 239 -8.54 -6.14 0.12
N LEU B 240 -9.42 -5.12 0.07
CA LEU B 240 -10.04 -4.65 1.31
C LEU B 240 -10.85 -5.76 1.96
N ILE B 241 -11.55 -6.55 1.15
CA ILE B 241 -12.32 -7.71 1.65
C ILE B 241 -11.38 -8.80 2.12
N CYS B 242 -10.48 -9.23 1.27
CA CYS B 242 -9.63 -10.35 1.65
C CYS B 242 -8.82 -10.03 2.90
N SER B 243 -8.52 -8.75 3.14
CA SER B 243 -7.78 -8.35 4.33
C SER B 243 -8.64 -8.04 5.54
N SER B 244 -9.90 -8.39 5.52
CA SER B 244 -10.77 -8.18 6.66
C SER B 244 -11.03 -9.52 7.30
N ALA B 245 -10.74 -9.63 8.61
CA ALA B 245 -10.99 -10.89 9.29
C ALA B 245 -12.48 -11.19 9.38
N THR B 246 -13.31 -10.15 9.45
CA THR B 246 -14.76 -10.29 9.65
C THR B 246 -15.47 -9.77 8.41
N VAL B 247 -16.09 -10.69 7.68
CA VAL B 247 -16.85 -10.38 6.48
C VAL B 247 -18.10 -11.24 6.49
N PRO B 248 -19.28 -10.68 6.24
CA PRO B 248 -20.48 -11.53 6.21
C PRO B 248 -20.29 -12.74 5.29
N LYS B 249 -20.80 -13.90 5.71
CA LYS B 249 -20.58 -15.10 4.91
C LYS B 249 -21.12 -14.97 3.48
N HIS B 250 -22.21 -14.24 3.32
CA HIS B 250 -22.82 -14.11 2.01
C HIS B 250 -22.00 -13.20 1.13
N MET B 251 -21.26 -12.26 1.72
CA MET B 251 -20.42 -11.43 0.87
C MET B 251 -19.27 -12.24 0.29
N LEU B 252 -18.67 -13.10 1.09
CA LEU B 252 -17.58 -13.93 0.63
C LEU B 252 -18.03 -14.90 -0.44
N ASP B 253 -19.16 -15.54 -0.25
CA ASP B 253 -19.66 -16.43 -1.29
C ASP B 253 -19.93 -15.66 -2.58
N LYS B 254 -20.56 -14.50 -2.47
CA LYS B 254 -20.83 -13.72 -3.66
C LYS B 254 -19.51 -13.26 -4.29
N LEU B 255 -18.56 -12.85 -3.45
CA LEU B 255 -17.30 -12.32 -4.02
C LEU B 255 -16.58 -13.40 -4.80
N ASP B 256 -16.54 -14.61 -4.23
CA ASP B 256 -15.98 -15.74 -4.96
C ASP B 256 -16.63 -15.89 -6.33
N GLU B 257 -17.99 -15.87 -6.36
CA GLU B 257 -18.69 -15.98 -7.66
C GLU B 257 -18.32 -14.83 -8.59
N ILE B 258 -18.34 -13.60 -8.11
CA ILE B 258 -18.00 -12.45 -8.93
C ILE B 258 -16.60 -12.59 -9.55
N LEU B 259 -15.61 -12.84 -8.70
CA LEU B 259 -14.25 -12.98 -9.21
C LEU B 259 -14.13 -14.16 -10.17
N TYR B 260 -14.81 -15.28 -9.88
CA TYR B 260 -14.69 -16.42 -10.79
C TYR B 260 -15.04 -16.05 -12.22
N TYR B 261 -16.23 -15.47 -12.41
CA TYR B 261 -16.65 -15.07 -13.75
C TYR B 261 -15.74 -13.96 -14.35
N GLN B 262 -15.14 -13.09 -13.53
CA GLN B 262 -14.20 -12.06 -14.06
C GLN B 262 -12.91 -12.71 -14.58
N ILE B 263 -12.34 -13.64 -13.80
CA ILE B 263 -11.18 -14.41 -14.24
C ILE B 263 -11.53 -15.27 -15.45
N LYS B 264 -12.70 -15.90 -15.45
CA LYS B 264 -13.07 -16.79 -16.59
C LYS B 264 -13.12 -15.95 -17.87
N THR B 265 -13.70 -14.75 -17.77
CA THR B 265 -13.90 -13.82 -18.90
C THR B 265 -12.57 -13.26 -19.36
N LEU B 266 -11.68 -12.94 -18.41
CA LEU B 266 -10.36 -12.30 -18.65
C LEU B 266 -9.65 -13.03 -19.77
N PRO B 267 -9.41 -12.46 -20.97
CA PRO B 267 -8.65 -13.16 -22.01
C PRO B 267 -7.21 -13.44 -21.54
N GLU B 268 -6.73 -14.61 -21.93
CA GLU B 268 -5.45 -15.19 -21.47
C GLU B 268 -4.33 -14.20 -21.77
N GLN B 269 -4.39 -13.61 -22.97
CA GLN B 269 -3.40 -12.67 -23.54
C GLN B 269 -3.38 -11.36 -22.74
N TYR B 270 -4.48 -10.99 -22.10
CA TYR B 270 -4.60 -9.71 -21.36
C TYR B 270 -4.20 -9.80 -19.88
N SER B 271 -3.84 -10.98 -19.37
CA SER B 271 -3.63 -11.19 -17.92
C SER B 271 -2.36 -10.60 -17.29
N ASP B 272 -1.29 -10.45 -18.05
CA ASP B 272 -0.03 -9.91 -17.53
C ASP B 272 -0.15 -8.45 -17.10
N ILE B 273 -1.07 -7.69 -17.68
CA ILE B 273 -1.25 -6.29 -17.31
C ILE B 273 -2.51 -6.02 -16.49
N LEU B 274 -3.50 -6.92 -16.49
CA LEU B 274 -4.72 -6.67 -15.74
C LEU B 274 -4.70 -7.34 -14.38
N LEU B 275 -3.75 -8.21 -14.11
CA LEU B 275 -3.77 -8.98 -12.88
C LEU B 275 -2.52 -8.61 -12.08
N ASN B 276 -2.74 -8.09 -10.88
CA ASN B 276 -1.67 -7.71 -9.97
C ASN B 276 -1.19 -8.89 -9.17
N GLU B 277 0.06 -9.30 -9.40
CA GLU B 277 0.59 -10.51 -8.80
C GLU B 277 0.56 -10.42 -7.28
N ARG B 278 0.97 -9.28 -6.74
CA ARG B 278 1.03 -9.16 -5.28
C ARG B 278 -0.35 -9.32 -4.68
N VAL B 279 -1.34 -8.66 -5.27
CA VAL B 279 -2.66 -8.66 -4.63
C VAL B 279 -3.26 -10.05 -4.65
N TRP B 280 -3.11 -10.76 -5.76
CA TRP B 280 -3.76 -12.07 -5.90
C TRP B 280 -3.08 -13.11 -5.02
N ASN B 281 -1.76 -13.17 -5.05
CA ASN B 281 -1.07 -14.10 -4.15
C ASN B 281 -1.43 -13.83 -2.71
N ILE B 282 -1.44 -12.57 -2.33
CA ILE B 282 -1.81 -12.19 -0.96
C ILE B 282 -3.22 -12.64 -0.67
N CYS B 283 -4.16 -12.34 -1.57
CA CYS B 283 -5.57 -12.63 -1.31
C CYS B 283 -5.80 -14.13 -1.21
N LEU B 284 -5.19 -14.91 -2.10
CA LEU B 284 -5.49 -16.32 -2.19
C LEU B 284 -4.69 -17.14 -1.20
N TYR B 285 -3.51 -16.68 -0.82
CA TYR B 285 -2.59 -17.53 -0.07
C TYR B 285 -2.20 -17.03 1.30
N SER B 286 -2.33 -15.74 1.57
CA SER B 286 -1.91 -15.20 2.86
C SER B 286 -3.03 -14.54 3.67
N SER B 287 -4.07 -14.03 3.03
CA SER B 287 -5.02 -13.16 3.72
C SER B 287 -5.94 -13.96 4.63
N PHE B 288 -6.74 -13.25 5.42
CA PHE B 288 -7.74 -13.92 6.26
C PHE B 288 -8.67 -14.80 5.44
N GLN B 289 -9.01 -14.37 4.24
CA GLN B 289 -9.99 -15.09 3.42
C GLN B 289 -9.31 -16.06 2.47
N LYS B 290 -8.05 -16.38 2.69
CA LYS B 290 -7.29 -17.22 1.77
C LYS B 290 -7.95 -18.56 1.51
N ASN B 291 -8.86 -19.02 2.39
CA ASN B 291 -9.55 -20.28 2.26
C ASN B 291 -11.02 -20.12 1.88
N SER B 292 -11.46 -18.91 1.59
CA SER B 292 -12.88 -18.63 1.41
C SER B 292 -13.26 -18.34 -0.04
N LEU B 293 -12.32 -18.48 -0.97
CA LEU B 293 -12.58 -18.18 -2.39
C LEU B 293 -12.26 -19.44 -3.19
N HIS B 294 -13.02 -20.49 -2.97
CA HIS B 294 -12.63 -21.76 -3.56
C HIS B 294 -12.71 -21.74 -5.08
N ASN B 295 -13.82 -21.22 -5.63
CA ASN B 295 -14.00 -21.22 -7.08
C ASN B 295 -12.95 -20.35 -7.72
N THR B 296 -12.71 -19.19 -7.12
CA THR B 296 -11.76 -18.24 -7.71
C THR B 296 -10.34 -18.79 -7.65
N GLU B 297 -9.94 -19.37 -6.49
CA GLU B 297 -8.63 -19.99 -6.40
C GLU B 297 -8.49 -21.14 -7.40
N LYS B 298 -9.54 -21.97 -7.58
CA LYS B 298 -9.41 -23.11 -8.50
C LYS B 298 -9.23 -22.63 -9.93
N ILE B 299 -9.96 -21.60 -10.33
CA ILE B 299 -9.83 -21.19 -11.72
C ILE B 299 -8.52 -20.44 -11.91
N MET B 300 -8.11 -19.68 -10.92
CA MET B 300 -6.85 -18.93 -11.05
C MET B 300 -5.65 -19.86 -11.17
N GLU B 301 -5.61 -20.91 -10.32
CA GLU B 301 -4.51 -21.87 -10.33
C GLU B 301 -4.46 -22.67 -11.63
N ASN B 302 -5.61 -22.93 -12.26
CA ASN B 302 -5.63 -23.74 -13.46
C ASN B 302 -5.42 -22.91 -14.71
N LYS B 303 -5.78 -21.64 -14.67
CA LYS B 303 -5.69 -20.77 -15.82
C LYS B 303 -4.43 -19.92 -15.83
N TYR B 304 -4.04 -19.42 -14.66
CA TYR B 304 -2.89 -18.52 -14.54
C TYR B 304 -1.97 -18.99 -13.43
N PRO B 305 -1.46 -20.22 -13.50
CA PRO B 305 -0.51 -20.67 -12.48
C PRO B 305 0.82 -19.97 -12.57
N GLU B 306 1.14 -19.34 -13.70
CA GLU B 306 2.35 -18.55 -13.81
C GLU B 306 2.33 -17.41 -12.78
N LEU B 307 1.24 -16.65 -12.73
CA LEU B 307 1.17 -15.54 -11.80
C LEU B 307 1.31 -15.99 -10.35
N LEU B 308 1.15 -17.28 -10.07
CA LEU B 308 1.16 -17.72 -8.68
C LEU B 308 2.31 -18.68 -8.40
C7 VRH C . -14.74 -6.89 -26.57
C8 VRH C . -11.81 -5.89 -26.79
C9 VRH C . -12.44 -4.88 -27.75
O1 VRH C . -11.70 -5.49 -25.45
C1 VRH C . -12.80 -8.89 -23.54
C5 VRH C . -13.29 -7.04 -24.94
C6 VRH C . -13.64 -8.26 -24.42
C4 VRH C . -12.07 -6.53 -24.69
C3 VRH C . -11.23 -7.15 -23.79
O3 VRH C . -11.30 -6.04 -29.38
C2 VRH C . -11.60 -8.32 -23.22
O2 VRH C . -12.93 -3.83 -27.44
N VRH C . -12.39 -5.31 -29.09
C10 VRH C . -10.09 -5.31 -29.36
O VRH C . -14.21 -6.27 -25.54
C VRH C . -13.22 -10.16 -22.94
C7 VRH D . -21.14 -9.55 -36.24
C8 VRH D . -18.48 -11.84 -32.23
C9 VRH D . -18.74 -13.15 -31.53
O1 VRH D . -19.47 -11.66 -33.19
C1 VRH D . -22.27 -8.95 -32.22
C5 VRH D . -20.96 -10.03 -33.87
C6 VRH D . -21.90 -9.10 -33.52
C4 VRH D . -20.40 -10.80 -32.87
C3 VRH D . -20.78 -10.64 -31.58
O3 VRH D . -20.71 -14.12 -31.59
C2 VRH D . -21.69 -9.73 -31.26
O2 VRH D . -18.25 -13.41 -30.56
N VRH D . -19.58 -14.06 -32.13
C10 VRH D . -20.67 -15.18 -30.68
O VRH D . -20.56 -10.21 -35.19
C VRH D . -23.28 -7.95 -31.85
#